data_9DOJ
#
_entry.id   9DOJ
#
_cell.length_a   64.796
_cell.length_b   65.736
_cell.length_c   66.164
_cell.angle_alpha   90.00
_cell.angle_beta   115.03
_cell.angle_gamma   90.00
#
_symmetry.space_group_name_H-M   'P 1 21 1'
#
loop_
_entity.id
_entity.type
_entity.pdbx_description
1 polymer 'Polymerase acidic protein'
2 non-polymer 'MANGANESE (II) ION'
3 non-polymer "(2aS,4aR,10bS,11S,12R)-4a-(2,2-difluoroethyl)-16-hydroxy-2-methyl-2,2a,3,4,4a,5,6,10b-octahydrobenzo[h]pyrido[1',2':1,6][1,2,4]triazino[2,3-a]quinoline-1,15-dione"
4 non-polymer 'MALONATE ION'
5 water water
#
_entity_poly.entity_id   1
_entity_poly.type   'polypeptide(L)'
_entity_poly.pdbx_seq_one_letter_code
;GPLGSMEDFVRQCFNPMIVELAEKAMKEYGEDPKIETNKFAAICTHLEVCFMYSDFHFIDERGESIIVESGDPNALLKHR
FEIIEGRDRIMAWTVVNSICNTTGVEKPKFLPDLYDYKENRFIEIGVTRREVHIYYLEKANKIKSEKTHIHIFSFTGEEM
ATKADYTLDEESRARIKTRLFTIRQEMASRSLWDSFRQSERGEETIEEK
;
_entity_poly.pdbx_strand_id   A,B
#
# COMPACT_ATOMS: atom_id res chain seq x y z
N GLY A 1 35.41 -18.14 -8.17
CA GLY A 1 34.94 -19.54 -8.21
C GLY A 1 33.70 -19.64 -9.08
N PRO A 2 32.90 -20.70 -8.91
CA PRO A 2 31.66 -20.84 -9.68
C PRO A 2 30.61 -19.80 -9.27
N LEU A 3 29.76 -19.44 -10.24
CA LEU A 3 28.56 -18.62 -9.94
C LEU A 3 27.50 -19.55 -9.37
N GLY A 4 27.05 -19.31 -8.14
CA GLY A 4 25.97 -20.04 -7.49
C GLY A 4 24.61 -19.50 -7.96
N SER A 5 23.59 -20.14 -7.43
CA SER A 5 22.18 -19.71 -7.48
C SER A 5 21.86 -18.84 -6.26
N MET A 6 21.23 -17.70 -6.49
CA MET A 6 20.67 -16.92 -5.38
C MET A 6 19.59 -17.71 -4.64
N GLU A 7 18.77 -18.49 -5.34
CA GLU A 7 17.77 -19.36 -4.72
C GLU A 7 18.48 -20.26 -3.71
N ASP A 8 19.57 -20.95 -4.10
CA ASP A 8 20.25 -21.89 -3.17
C ASP A 8 20.78 -21.08 -1.96
N PHE A 9 21.36 -19.94 -2.24
CA PHE A 9 21.93 -19.10 -1.16
C PHE A 9 20.85 -18.71 -0.14
N VAL A 10 19.70 -18.26 -0.65
CA VAL A 10 18.60 -17.80 0.25
C VAL A 10 18.14 -18.98 1.11
N ARG A 11 17.93 -20.16 0.51
CA ARG A 11 17.39 -21.32 1.25
C ARG A 11 18.38 -21.83 2.29
N GLN A 12 19.66 -21.60 2.06
CA GLN A 12 20.70 -22.05 3.04
C GLN A 12 21.00 -20.99 4.10
N CYS A 13 20.94 -19.73 3.73
CA CYS A 13 21.38 -18.62 4.62
C CYS A 13 20.28 -18.28 5.61
N PHE A 14 19.03 -18.23 5.16
CA PHE A 14 17.91 -17.71 6.00
C PHE A 14 17.12 -18.87 6.58
N ASN A 15 16.58 -18.64 7.76
CA ASN A 15 15.74 -19.66 8.40
C ASN A 15 14.48 -19.82 7.58
N PRO A 16 13.94 -21.06 7.61
CA PRO A 16 12.80 -21.42 6.78
C PRO A 16 11.62 -20.49 7.03
N MET A 17 11.41 -20.05 8.27
CA MET A 17 10.29 -19.10 8.59
C MET A 17 10.43 -17.82 7.77
N ILE A 18 11.64 -17.24 7.76
N ILE A 18 11.63 -17.24 7.73
CA ILE A 18 11.95 -16.01 6.97
CA ILE A 18 11.88 -16.00 6.96
C ILE A 18 11.66 -16.27 5.48
C ILE A 18 11.66 -16.26 5.46
N VAL A 19 12.18 -17.37 4.93
CA VAL A 19 11.99 -17.69 3.50
C VAL A 19 10.49 -17.82 3.17
N GLU A 20 9.74 -18.49 4.03
CA GLU A 20 8.28 -18.70 3.84
C GLU A 20 7.59 -17.33 3.85
N LEU A 21 7.90 -16.46 4.83
CA LEU A 21 7.24 -15.11 4.85
C LEU A 21 7.61 -14.30 3.62
N ALA A 22 8.84 -14.41 3.13
CA ALA A 22 9.28 -13.70 1.93
C ALA A 22 8.52 -14.22 0.69
N GLU A 23 8.39 -15.51 0.58
CA GLU A 23 7.64 -16.13 -0.55
C GLU A 23 6.20 -15.63 -0.52
N LYS A 24 5.60 -15.64 0.67
N LYS A 24 5.61 -15.63 0.68
CA LYS A 24 4.18 -15.18 0.88
CA LYS A 24 4.19 -15.19 0.87
C LYS A 24 4.07 -13.71 0.44
C LYS A 24 4.07 -13.71 0.48
N ALA A 25 5.02 -12.86 0.87
CA ALA A 25 4.96 -11.42 0.52
C ALA A 25 5.07 -11.24 -1.01
N MET A 26 5.98 -11.98 -1.65
CA MET A 26 6.18 -11.76 -3.10
C MET A 26 4.87 -12.22 -3.82
N LYS A 27 4.23 -13.29 -3.39
CA LYS A 27 2.96 -13.79 -4.07
C LYS A 27 1.88 -12.70 -3.90
N GLU A 28 1.82 -12.10 -2.69
CA GLU A 28 0.84 -11.01 -2.41
C GLU A 28 1.07 -9.84 -3.40
N TYR A 29 2.31 -9.48 -3.72
CA TYR A 29 2.64 -8.29 -4.55
CA TYR A 29 2.70 -8.31 -4.54
C TYR A 29 2.85 -8.73 -6.01
N GLY A 30 2.56 -9.98 -6.34
CA GLY A 30 2.64 -10.40 -7.76
C GLY A 30 4.07 -10.53 -8.29
N GLU A 31 5.03 -10.87 -7.43
CA GLU A 31 6.48 -11.09 -7.76
C GLU A 31 6.79 -12.60 -7.61
N ASP A 32 7.52 -13.23 -8.55
CA ASP A 32 7.79 -14.71 -8.45
C ASP A 32 9.17 -14.79 -7.83
N PRO A 33 9.35 -15.45 -6.66
CA PRO A 33 10.70 -15.65 -6.08
C PRO A 33 11.70 -16.45 -6.94
N LYS A 34 11.15 -17.23 -7.88
CA LYS A 34 11.99 -18.09 -8.73
C LYS A 34 12.66 -17.21 -9.81
N ILE A 35 12.05 -16.08 -10.20
CA ILE A 35 12.54 -15.13 -11.22
C ILE A 35 13.24 -13.93 -10.62
N GLU A 36 12.56 -13.26 -9.70
CA GLU A 36 13.09 -12.04 -9.08
C GLU A 36 13.92 -12.42 -7.85
N THR A 37 14.99 -13.14 -8.07
CA THR A 37 15.77 -13.83 -7.03
C THR A 37 16.56 -12.80 -6.20
N ASN A 38 17.10 -11.75 -6.80
CA ASN A 38 17.85 -10.71 -6.07
C ASN A 38 16.85 -9.99 -5.18
N LYS A 39 15.65 -9.74 -5.68
CA LYS A 39 14.59 -9.10 -4.85
C LYS A 39 14.19 -10.05 -3.73
N PHE A 40 14.09 -11.36 -3.97
CA PHE A 40 13.76 -12.36 -2.91
C PHE A 40 14.84 -12.21 -1.82
N ALA A 41 16.09 -12.18 -2.21
CA ALA A 41 17.20 -12.07 -1.23
C ALA A 41 17.05 -10.75 -0.44
N ALA A 42 16.72 -9.69 -1.09
CA ALA A 42 16.57 -8.39 -0.44
C ALA A 42 15.40 -8.46 0.54
N ILE A 43 14.31 -9.08 0.16
CA ILE A 43 13.13 -9.23 1.06
C ILE A 43 13.49 -10.09 2.29
N CYS A 44 14.20 -11.18 2.08
CA CYS A 44 14.65 -12.03 3.20
C CYS A 44 15.58 -11.19 4.12
N THR A 45 16.51 -10.49 3.56
CA THR A 45 17.47 -9.72 4.38
C THR A 45 16.68 -8.73 5.24
N HIS A 46 15.82 -7.95 4.60
CA HIS A 46 15.07 -6.90 5.30
C HIS A 46 14.20 -7.52 6.40
N LEU A 47 13.53 -8.64 6.15
CA LEU A 47 12.75 -9.39 7.17
CA LEU A 47 12.74 -9.29 7.18
C LEU A 47 13.69 -9.75 8.32
N GLU A 48 14.78 -10.36 7.99
CA GLU A 48 15.72 -10.80 9.06
C GLU A 48 16.13 -9.59 9.92
N VAL A 49 16.45 -8.47 9.29
CA VAL A 49 16.83 -7.25 10.05
C VAL A 49 15.69 -6.87 10.98
N CYS A 50 14.47 -6.86 10.50
CA CYS A 50 13.31 -6.45 11.32
C CYS A 50 13.23 -7.39 12.52
N PHE A 51 13.37 -8.71 12.33
CA PHE A 51 13.32 -9.67 13.43
C PHE A 51 14.49 -9.47 14.40
N MET A 52 15.69 -9.24 13.87
CA MET A 52 16.91 -9.03 14.68
C MET A 52 16.78 -7.77 15.52
N TYR A 53 16.15 -6.76 14.98
CA TYR A 53 15.97 -5.46 15.67
C TYR A 53 15.13 -5.70 16.90
N SER A 54 14.12 -6.54 16.80
CA SER A 54 13.16 -6.83 17.87
C SER A 54 13.70 -7.85 18.88
N ASP A 55 14.49 -8.79 18.41
CA ASP A 55 15.03 -9.94 19.20
CA ASP A 55 15.03 -9.94 19.20
C ASP A 55 15.69 -9.46 20.51
N PHE A 56 15.30 -10.09 21.60
CA PHE A 56 15.92 -9.93 22.94
C PHE A 56 15.46 -8.68 23.65
N HIS A 57 14.66 -7.80 23.04
CA HIS A 57 14.22 -6.52 23.65
C HIS A 57 12.85 -6.71 24.31
N PHE A 58 12.77 -6.53 25.62
CA PHE A 58 11.51 -6.72 26.36
C PHE A 58 11.23 -5.52 27.23
N ILE A 59 9.95 -5.38 27.59
CA ILE A 59 9.49 -4.45 28.64
C ILE A 59 9.16 -5.35 29.82
N ASP A 60 9.72 -5.03 30.96
CA ASP A 60 9.57 -5.94 32.12
C ASP A 60 8.36 -5.54 32.98
N GLU A 61 8.23 -6.18 34.15
CA GLU A 61 7.04 -6.06 35.04
C GLU A 61 7.03 -4.71 35.72
N ARG A 62 8.15 -3.96 35.60
CA ARG A 62 8.29 -2.57 36.13
C ARG A 62 8.10 -1.54 35.02
N GLY A 63 7.82 -1.98 33.79
CA GLY A 63 7.65 -1.08 32.62
C GLY A 63 8.99 -0.64 32.05
N GLU A 64 10.09 -1.30 32.43
CA GLU A 64 11.47 -0.91 32.01
C GLU A 64 11.89 -1.76 30.81
N SER A 65 12.57 -1.12 29.86
CA SER A 65 13.11 -1.81 28.66
CA SER A 65 13.11 -1.79 28.65
C SER A 65 14.41 -2.51 29.04
N ILE A 66 14.48 -3.80 28.76
CA ILE A 66 15.65 -4.66 29.10
C ILE A 66 16.00 -5.55 27.91
N ILE A 67 17.09 -6.26 28.06
CA ILE A 67 17.60 -7.19 27.02
C ILE A 67 17.73 -8.57 27.66
N VAL A 68 17.04 -9.56 27.12
CA VAL A 68 17.10 -10.96 27.58
C VAL A 68 17.49 -11.83 26.38
N GLU A 69 18.73 -12.33 26.36
CA GLU A 69 19.30 -13.06 25.20
C GLU A 69 19.32 -14.56 25.46
N SER A 70 18.88 -14.99 26.64
CA SER A 70 18.95 -16.39 27.15
C SER A 70 18.07 -17.31 26.30
N GLY A 71 17.02 -16.75 25.67
CA GLY A 71 16.06 -17.47 24.80
C GLY A 71 14.78 -17.84 25.51
N ASP A 72 14.70 -17.58 26.84
CA ASP A 72 13.66 -18.16 27.75
C ASP A 72 13.08 -17.04 28.61
N PRO A 73 12.34 -16.07 28.02
CA PRO A 73 11.78 -14.97 28.79
C PRO A 73 10.57 -15.45 29.61
N ASN A 74 10.52 -15.10 30.91
CA ASN A 74 9.32 -15.34 31.76
C ASN A 74 8.11 -14.56 31.21
N ALA A 75 6.87 -15.02 31.47
CA ALA A 75 5.66 -14.59 30.69
C ALA A 75 5.01 -13.22 31.12
N LEU A 76 5.77 -12.58 32.15
CA LEU A 76 5.53 -11.15 32.63
C LEU A 76 6.24 -10.18 31.68
N LEU A 77 7.17 -10.69 30.89
CA LEU A 77 7.96 -9.84 29.98
C LEU A 77 7.16 -9.70 28.71
N LYS A 78 7.02 -8.46 28.23
N LYS A 78 7.04 -8.49 28.20
CA LYS A 78 6.39 -8.04 26.94
CA LYS A 78 6.39 -8.26 26.90
C LYS A 78 7.50 -7.81 25.92
C LYS A 78 7.47 -7.85 25.92
N HIS A 79 7.38 -8.34 24.70
CA HIS A 79 8.23 -7.84 23.60
C HIS A 79 8.12 -6.32 23.53
N ARG A 80 9.27 -5.66 23.48
CA ARG A 80 9.34 -4.19 23.30
C ARG A 80 8.76 -3.76 21.95
N PHE A 81 8.98 -4.59 20.91
CA PHE A 81 8.59 -4.21 19.54
C PHE A 81 7.44 -5.11 19.12
N GLU A 82 6.51 -4.49 18.44
CA GLU A 82 5.50 -5.21 17.62
C GLU A 82 6.17 -5.29 16.24
N ILE A 83 6.13 -6.47 15.64
CA ILE A 83 6.63 -6.68 14.25
C ILE A 83 5.43 -6.59 13.29
N ILE A 84 5.45 -5.61 12.40
CA ILE A 84 4.36 -5.35 11.45
C ILE A 84 4.72 -6.07 10.15
N GLU A 85 5.97 -5.98 9.72
CA GLU A 85 6.50 -6.66 8.54
C GLU A 85 6.29 -8.15 8.70
N GLY A 86 6.14 -8.82 7.55
CA GLY A 86 5.97 -10.27 7.59
C GLY A 86 4.53 -10.73 7.74
N ARG A 87 3.62 -9.83 7.91
CA ARG A 87 2.18 -10.13 7.99
C ARG A 87 1.51 -9.77 6.66
N ASP A 88 0.49 -10.51 6.24
CA ASP A 88 -0.31 -10.09 5.08
C ASP A 88 -0.91 -8.70 5.34
N ARG A 89 -1.30 -7.98 4.28
CA ARG A 89 -1.75 -6.58 4.43
CA ARG A 89 -1.76 -6.58 4.41
C ARG A 89 -2.92 -6.50 5.42
N ILE A 90 -3.88 -7.42 5.35
CA ILE A 90 -5.03 -7.32 6.27
C ILE A 90 -4.55 -7.37 7.71
N MET A 91 -3.75 -8.36 8.05
CA MET A 91 -3.33 -8.52 9.46
C MET A 91 -2.38 -7.38 9.81
N ALA A 92 -1.52 -6.93 8.89
CA ALA A 92 -0.56 -5.84 9.17
C ALA A 92 -1.36 -4.58 9.59
N TRP A 93 -2.37 -4.20 8.83
CA TRP A 93 -3.17 -3.01 9.14
C TRP A 93 -4.03 -3.29 10.35
N THR A 94 -4.47 -4.51 10.56
CA THR A 94 -5.22 -4.83 11.79
C THR A 94 -4.31 -4.56 13.00
N VAL A 95 -3.06 -5.04 12.96
CA VAL A 95 -2.11 -4.80 14.08
C VAL A 95 -1.85 -3.29 14.23
N VAL A 96 -1.60 -2.57 13.14
CA VAL A 96 -1.38 -1.11 13.18
C VAL A 96 -2.58 -0.43 13.85
N ASN A 97 -3.77 -0.76 13.39
CA ASN A 97 -4.96 -0.08 13.91
C ASN A 97 -5.12 -0.40 15.40
N SER A 98 -4.83 -1.64 15.79
CA SER A 98 -4.92 -2.03 17.21
C SER A 98 -3.92 -1.22 18.06
N ILE A 99 -2.68 -1.09 17.62
CA ILE A 99 -1.67 -0.27 18.35
C ILE A 99 -2.18 1.17 18.47
N CYS A 100 -2.65 1.76 17.39
CA CYS A 100 -3.10 3.17 17.41
C CYS A 100 -4.25 3.28 18.42
N ASN A 101 -5.14 2.26 18.57
CA ASN A 101 -6.25 2.33 19.57
CA ASN A 101 -6.24 2.32 19.58
C ASN A 101 -5.66 2.23 20.99
N THR A 102 -4.66 1.39 21.18
CA THR A 102 -4.03 1.16 22.50
C THR A 102 -3.26 2.39 22.96
N THR A 103 -2.45 2.94 22.08
CA THR A 103 -1.43 3.95 22.44
C THR A 103 -1.88 5.38 22.10
N GLY A 104 -2.82 5.55 21.20
CA GLY A 104 -3.25 6.89 20.73
C GLY A 104 -2.30 7.50 19.73
N VAL A 105 -1.30 6.74 19.26
CA VAL A 105 -0.36 7.22 18.21
C VAL A 105 -1.17 7.37 16.92
N GLU A 106 -0.83 8.37 16.13
CA GLU A 106 -1.48 8.67 14.84
C GLU A 106 -1.33 7.45 13.89
N LYS A 107 -2.39 7.12 13.15
CA LYS A 107 -2.35 6.04 12.16
C LYS A 107 -1.43 6.45 11.00
N PRO A 108 -0.41 5.63 10.67
CA PRO A 108 0.52 6.01 9.62
C PRO A 108 -0.10 5.85 8.22
N LYS A 109 0.31 6.74 7.32
CA LYS A 109 -0.10 6.78 5.90
C LYS A 109 0.37 5.51 5.20
N PHE A 110 1.61 5.11 5.46
CA PHE A 110 2.32 3.96 4.85
C PHE A 110 2.50 2.83 5.89
N LEU A 111 2.41 1.59 5.49
CA LEU A 111 2.62 0.44 6.42
CA LEU A 111 2.60 0.47 6.43
C LEU A 111 4.07 0.49 6.89
N PRO A 112 4.31 0.57 8.21
CA PRO A 112 5.66 0.56 8.75
C PRO A 112 6.16 -0.87 8.99
N ASP A 113 7.34 -0.98 9.61
CA ASP A 113 7.95 -2.29 9.86
C ASP A 113 7.77 -2.79 11.28
N LEU A 114 7.90 -1.85 12.24
CA LEU A 114 7.86 -2.22 13.68
C LEU A 114 7.08 -1.14 14.42
N TYR A 115 6.67 -1.45 15.63
CA TYR A 115 6.25 -0.40 16.59
C TYR A 115 7.04 -0.61 17.89
N ASP A 116 7.59 0.50 18.38
CA ASP A 116 8.41 0.52 19.61
C ASP A 116 7.52 0.97 20.79
N TYR A 117 7.21 0.04 21.69
CA TYR A 117 6.37 0.35 22.90
C TYR A 117 7.15 1.22 23.90
N LYS A 118 8.47 1.31 23.83
CA LYS A 118 9.23 2.22 24.74
C LYS A 118 9.16 3.65 24.24
N GLU A 119 9.56 3.87 22.98
CA GLU A 119 9.62 5.18 22.35
C GLU A 119 8.25 5.64 21.82
N ASN A 120 7.28 4.76 21.81
CA ASN A 120 5.89 5.04 21.40
C ASN A 120 5.89 5.56 19.95
N ARG A 121 6.47 4.78 19.03
CA ARG A 121 6.53 5.24 17.63
C ARG A 121 6.70 4.05 16.71
N PHE A 122 6.07 4.15 15.57
CA PHE A 122 6.38 3.24 14.47
C PHE A 122 7.80 3.49 13.92
N ILE A 123 8.35 2.42 13.35
CA ILE A 123 9.70 2.42 12.75
C ILE A 123 9.63 1.90 11.31
N GLU A 124 10.32 2.61 10.42
CA GLU A 124 10.60 2.11 9.07
C GLU A 124 12.07 1.67 9.05
N ILE A 125 12.27 0.40 8.78
CA ILE A 125 13.59 -0.20 8.61
C ILE A 125 13.98 -0.17 7.16
N GLY A 126 15.15 0.32 6.85
CA GLY A 126 15.73 0.21 5.52
C GLY A 126 17.01 -0.54 5.52
N VAL A 127 17.22 -1.33 4.47
CA VAL A 127 18.49 -2.01 4.20
C VAL A 127 18.90 -1.68 2.79
N THR A 128 20.12 -1.18 2.62
CA THR A 128 20.57 -0.72 1.29
C THR A 128 21.93 -1.29 0.97
N ARG A 129 22.13 -1.53 -0.30
CA ARG A 129 23.44 -1.80 -0.91
C ARG A 129 24.07 -0.51 -1.45
N ARG A 130 23.37 0.63 -1.37
CA ARG A 130 23.90 1.95 -1.78
C ARG A 130 24.40 2.75 -0.56
N GLU A 131 24.79 3.99 -0.74
CA GLU A 131 25.21 4.90 0.35
C GLU A 131 24.01 5.13 1.26
N VAL A 132 24.24 5.01 2.56
CA VAL A 132 23.16 5.10 3.57
CA VAL A 132 23.08 5.07 3.49
C VAL A 132 22.43 6.44 3.42
N HIS A 133 23.17 7.52 3.17
CA HIS A 133 22.48 8.83 3.26
C HIS A 133 21.49 8.91 2.07
N ILE A 134 21.84 8.33 0.91
CA ILE A 134 20.99 8.38 -0.29
C ILE A 134 19.68 7.68 0.00
N TYR A 135 19.73 6.51 0.59
CA TYR A 135 18.51 5.73 0.89
C TYR A 135 17.73 6.35 2.04
N TYR A 136 18.42 6.90 3.04
CA TYR A 136 17.73 7.62 4.13
C TYR A 136 16.90 8.74 3.48
N LEU A 137 17.50 9.54 2.62
CA LEU A 137 16.83 10.73 2.08
C LEU A 137 15.68 10.26 1.20
N GLU A 138 15.81 9.14 0.46
CA GLU A 138 14.64 8.63 -0.31
CA GLU A 138 14.65 8.60 -0.31
C GLU A 138 13.51 8.25 0.64
N LYS A 139 13.78 7.57 1.72
CA LYS A 139 12.72 7.21 2.70
C LYS A 139 12.16 8.51 3.33
N ALA A 140 13.03 9.44 3.69
CA ALA A 140 12.59 10.68 4.36
C ALA A 140 11.66 11.48 3.47
N ASN A 141 11.98 11.55 2.18
CA ASN A 141 11.21 12.33 1.18
C ASN A 141 9.90 11.61 0.88
N LYS A 142 9.75 10.32 1.26
CA LYS A 142 8.47 9.63 1.17
C LYS A 142 7.64 9.86 2.42
N ILE A 143 8.23 9.71 3.60
CA ILE A 143 7.52 9.74 4.89
C ILE A 143 7.21 11.19 5.29
N LYS A 144 8.07 12.14 4.92
CA LYS A 144 7.79 13.56 5.19
C LYS A 144 7.50 13.76 6.67
N SER A 145 6.41 14.45 7.00
CA SER A 145 6.07 14.78 8.39
C SER A 145 5.35 13.66 9.10
N GLU A 146 5.18 12.49 8.45
CA GLU A 146 4.68 11.31 9.18
C GLU A 146 5.61 11.02 10.38
N LYS A 147 5.04 10.53 11.47
CA LYS A 147 5.78 10.30 12.72
C LYS A 147 6.45 8.93 12.75
N THR A 148 6.68 8.30 11.61
CA THR A 148 7.39 7.03 11.54
C THR A 148 8.88 7.32 11.58
N HIS A 149 9.56 6.70 12.53
CA HIS A 149 10.99 6.88 12.67
C HIS A 149 11.75 6.00 11.68
N ILE A 150 12.75 6.55 11.02
CA ILE A 150 13.47 5.83 9.95
C ILE A 150 14.79 5.32 10.50
N HIS A 151 15.16 4.06 10.24
CA HIS A 151 16.48 3.56 10.60
C HIS A 151 17.01 2.71 9.43
N ILE A 152 18.07 3.20 8.83
CA ILE A 152 18.70 2.59 7.65
C ILE A 152 20.00 1.88 8.07
N PHE A 153 20.19 0.66 7.55
CA PHE A 153 21.42 -0.13 7.63
C PHE A 153 21.96 -0.35 6.24
N SER A 154 23.26 -0.29 6.07
CA SER A 154 23.89 -0.74 4.82
C SER A 154 24.61 -2.03 5.06
N PHE A 155 25.09 -2.61 3.98
CA PHE A 155 25.89 -3.85 4.05
C PHE A 155 27.33 -3.57 4.42
N THR A 156 27.71 -2.30 4.44
CA THR A 156 29.10 -1.91 4.79
C THR A 156 29.16 -1.36 6.21
N GLY A 157 28.06 -1.45 6.98
CA GLY A 157 28.11 -1.13 8.41
C GLY A 157 27.69 0.29 8.72
N GLU A 158 27.41 1.08 7.71
CA GLU A 158 26.91 2.43 7.94
C GLU A 158 25.44 2.37 8.34
N GLU A 159 25.06 3.34 9.15
CA GLU A 159 23.68 3.49 9.57
C GLU A 159 23.30 4.96 9.48
N MET A 160 22.03 5.21 9.29
CA MET A 160 21.47 6.58 9.39
CA MET A 160 21.46 6.58 9.35
C MET A 160 20.06 6.48 9.92
N ALA A 161 19.75 7.30 10.92
CA ALA A 161 18.43 7.24 11.55
C ALA A 161 17.91 8.65 11.74
N THR A 162 16.58 8.77 11.71
CA THR A 162 15.90 10.04 11.93
C THR A 162 16.52 10.80 13.12
N LYS A 163 16.87 12.08 12.89
CA LYS A 163 17.35 12.97 13.97
C LYS A 163 18.46 12.30 14.79
N ALA A 164 19.24 11.46 14.17
CA ALA A 164 20.45 10.89 14.79
C ALA A 164 20.05 10.12 16.05
N ASP A 165 18.87 9.55 16.06
CA ASP A 165 18.28 8.80 17.17
C ASP A 165 18.17 7.34 16.75
N TYR A 166 19.03 6.50 17.28
CA TYR A 166 19.35 5.16 16.81
C TYR A 166 18.58 4.10 17.55
N THR A 167 17.76 4.47 18.52
CA THR A 167 16.81 3.58 19.26
C THR A 167 17.52 2.57 20.18
N LEU A 168 18.33 1.69 19.61
CA LEU A 168 18.94 0.54 20.26
C LEU A 168 20.37 0.88 20.68
N ASP A 169 20.81 0.06 21.61
CA ASP A 169 22.24 0.11 22.01
C ASP A 169 23.16 -0.31 20.86
N GLU A 170 24.43 -0.02 20.97
CA GLU A 170 25.45 -0.30 19.95
C GLU A 170 25.57 -1.82 19.74
N GLU A 171 25.48 -2.64 20.78
CA GLU A 171 25.74 -4.09 20.62
CA GLU A 171 25.68 -4.12 20.71
C GLU A 171 24.59 -4.68 19.79
N SER A 172 23.36 -4.26 20.01
CA SER A 172 22.19 -4.77 19.28
C SER A 172 22.38 -4.45 17.79
N ARG A 173 22.77 -3.23 17.50
CA ARG A 173 22.96 -2.79 16.11
C ARG A 173 24.18 -3.47 15.52
N ALA A 174 25.22 -3.71 16.31
CA ALA A 174 26.40 -4.43 15.81
C ALA A 174 25.99 -5.87 15.42
N ARG A 175 25.10 -6.53 16.14
CA ARG A 175 24.62 -7.91 15.74
C ARG A 175 24.05 -7.80 14.32
N ILE A 176 23.26 -6.80 14.04
CA ILE A 176 22.63 -6.64 12.71
C ILE A 176 23.70 -6.38 11.66
N LYS A 177 24.62 -5.47 11.95
CA LYS A 177 25.66 -5.12 11.01
C LYS A 177 26.55 -6.35 10.77
N THR A 178 26.81 -7.19 11.77
CA THR A 178 27.64 -8.38 11.61
C THR A 178 26.91 -9.35 10.67
N ARG A 179 25.59 -9.47 10.84
CA ARG A 179 24.80 -10.40 9.99
C ARG A 179 24.86 -9.88 8.57
N LEU A 180 24.67 -8.61 8.32
CA LEU A 180 24.72 -8.07 6.94
C LEU A 180 26.09 -8.32 6.34
N PHE A 181 27.16 -8.13 7.13
CA PHE A 181 28.52 -8.37 6.63
C PHE A 181 28.62 -9.83 6.20
N THR A 182 28.11 -10.74 7.01
CA THR A 182 28.17 -12.20 6.77
C THR A 182 27.41 -12.47 5.45
N ILE A 183 26.24 -11.91 5.29
CA ILE A 183 25.44 -12.16 4.07
C ILE A 183 26.25 -11.66 2.86
N ARG A 184 26.80 -10.46 2.91
CA ARG A 184 27.61 -9.91 1.81
C ARG A 184 28.78 -10.86 1.52
N GLN A 185 29.52 -11.27 2.54
CA GLN A 185 30.72 -12.08 2.27
CA GLN A 185 30.70 -12.15 2.40
C GLN A 185 30.31 -13.44 1.71
N GLU A 186 29.23 -14.04 2.19
CA GLU A 186 28.79 -15.35 1.63
CA GLU A 186 28.76 -15.35 1.65
C GLU A 186 28.24 -15.15 0.21
N MET A 187 27.57 -14.08 -0.07
CA MET A 187 27.17 -13.77 -1.47
C MET A 187 28.42 -13.65 -2.32
N ALA A 188 29.43 -12.94 -1.86
CA ALA A 188 30.65 -12.72 -2.64
C ALA A 188 31.35 -14.06 -2.90
N SER A 189 31.36 -14.96 -1.94
CA SER A 189 32.02 -16.27 -2.03
C SER A 189 31.38 -17.03 -3.20
N ARG A 190 30.07 -16.82 -3.42
CA ARG A 190 29.30 -17.56 -4.45
C ARG A 190 29.20 -16.69 -5.70
N SER A 191 29.91 -15.62 -5.79
CA SER A 191 29.92 -14.67 -6.94
C SER A 191 28.51 -14.16 -7.23
N LEU A 192 27.73 -13.90 -6.18
CA LEU A 192 26.34 -13.33 -6.26
C LEU A 192 26.33 -11.86 -5.92
N TRP A 193 27.35 -11.39 -5.20
CA TRP A 193 27.25 -10.05 -4.62
C TRP A 193 27.16 -8.99 -5.72
N ASP A 194 27.91 -9.15 -6.81
CA ASP A 194 27.92 -8.11 -7.87
C ASP A 194 26.51 -7.95 -8.44
N SER A 195 25.84 -9.04 -8.88
CA SER A 195 24.46 -8.90 -9.45
C SER A 195 23.56 -8.28 -8.33
N PHE A 196 23.71 -8.73 -7.11
CA PHE A 196 22.80 -8.30 -6.00
C PHE A 196 22.97 -6.81 -5.74
N ARG A 197 24.21 -6.36 -5.55
CA ARG A 197 24.54 -4.94 -5.33
C ARG A 197 23.98 -4.10 -6.48
N GLN A 198 24.10 -4.52 -7.73
CA GLN A 198 23.75 -3.64 -8.87
C GLN A 198 22.25 -3.64 -9.13
N SER A 199 21.52 -4.67 -8.71
CA SER A 199 20.06 -4.76 -8.95
C SER A 199 19.27 -3.74 -8.11
N GLU A 200 19.82 -3.11 -7.04
CA GLU A 200 19.10 -2.03 -6.30
C GLU A 200 18.85 -0.82 -7.22
N GLY B 4 -15.42 32.43 -2.86
CA GLY B 4 -15.48 30.93 -2.64
C GLY B 4 -14.11 30.26 -2.34
N SER B 5 -14.17 29.01 -1.88
CA SER B 5 -12.96 28.20 -1.54
C SER B 5 -13.20 26.88 -2.28
N MET B 6 -12.17 26.14 -2.57
CA MET B 6 -12.33 24.77 -3.17
C MET B 6 -13.08 23.88 -2.18
N GLU B 7 -12.73 23.95 -0.88
CA GLU B 7 -13.38 23.10 0.12
C GLU B 7 -14.88 23.36 0.00
N ASP B 8 -15.29 24.63 -0.03
CA ASP B 8 -16.74 25.01 -0.08
C ASP B 8 -17.35 24.47 -1.37
N PHE B 9 -16.63 24.53 -2.47
CA PHE B 9 -17.17 24.01 -3.76
C PHE B 9 -17.46 22.50 -3.64
N VAL B 10 -16.50 21.76 -3.06
CA VAL B 10 -16.62 20.28 -2.92
C VAL B 10 -17.87 19.98 -2.12
N ARG B 11 -18.06 20.69 -1.01
CA ARG B 11 -19.10 20.28 -0.05
C ARG B 11 -20.48 20.58 -0.67
N GLN B 12 -20.59 21.47 -1.67
CA GLN B 12 -21.89 21.80 -2.30
C GLN B 12 -22.03 21.11 -3.66
N CYS B 13 -20.97 20.56 -4.27
CA CYS B 13 -21.02 19.91 -5.61
C CYS B 13 -21.32 18.40 -5.51
N PHE B 14 -20.84 17.75 -4.48
CA PHE B 14 -20.99 16.31 -4.28
C PHE B 14 -21.97 15.99 -3.16
N ASN B 15 -22.63 14.85 -3.29
CA ASN B 15 -23.65 14.46 -2.31
C ASN B 15 -22.94 14.16 -1.00
N PRO B 16 -23.67 14.30 0.12
CA PRO B 16 -23.05 14.14 1.41
C PRO B 16 -22.38 12.77 1.59
N MET B 17 -22.92 11.69 1.04
CA MET B 17 -22.33 10.34 1.24
C MET B 17 -20.93 10.36 0.62
N ILE B 18 -20.78 10.89 -0.57
CA ILE B 18 -19.46 10.93 -1.25
CA ILE B 18 -19.47 10.96 -1.28
C ILE B 18 -18.50 11.80 -0.46
N VAL B 19 -18.96 12.95 -0.02
CA VAL B 19 -18.08 13.84 0.76
C VAL B 19 -17.62 13.10 2.03
N GLU B 20 -18.51 12.46 2.77
CA GLU B 20 -18.16 11.70 4.02
C GLU B 20 -17.14 10.63 3.69
N LEU B 21 -17.32 9.86 2.60
CA LEU B 21 -16.38 8.78 2.29
C LEU B 21 -15.04 9.38 1.89
N ALA B 22 -15.05 10.52 1.20
CA ALA B 22 -13.76 11.15 0.84
C ALA B 22 -13.03 11.65 2.10
N GLU B 23 -13.78 12.25 3.03
CA GLU B 23 -13.15 12.73 4.31
C GLU B 23 -12.55 11.53 5.04
N LYS B 24 -13.26 10.41 5.07
CA LYS B 24 -12.81 9.20 5.76
C LYS B 24 -11.51 8.72 5.09
N ALA B 25 -11.47 8.66 3.77
CA ALA B 25 -10.27 8.20 3.05
C ALA B 25 -9.11 9.11 3.36
N MET B 26 -9.35 10.40 3.30
CA MET B 26 -8.27 11.37 3.60
C MET B 26 -7.78 11.18 5.03
N LYS B 27 -8.66 10.99 5.99
CA LYS B 27 -8.23 10.78 7.39
C LYS B 27 -7.37 9.52 7.47
N GLU B 28 -7.77 8.44 6.81
CA GLU B 28 -6.99 7.18 6.81
C GLU B 28 -5.58 7.43 6.31
N TYR B 29 -5.42 8.26 5.26
CA TYR B 29 -4.11 8.54 4.59
C TYR B 29 -3.39 9.71 5.29
N GLY B 30 -3.95 10.24 6.38
CA GLY B 30 -3.27 11.34 7.10
C GLY B 30 -3.29 12.69 6.37
N GLU B 31 -4.33 12.94 5.56
CA GLU B 31 -4.51 14.17 4.73
CA GLU B 31 -4.50 14.18 4.75
C GLU B 31 -5.70 14.94 5.29
N ASP B 32 -5.61 16.25 5.35
CA ASP B 32 -6.69 17.07 5.90
C ASP B 32 -7.47 17.69 4.73
N PRO B 33 -8.76 17.39 4.54
CA PRO B 33 -9.53 17.98 3.44
C PRO B 33 -9.64 19.52 3.45
N LYS B 34 -9.38 20.16 4.59
CA LYS B 34 -9.37 21.64 4.70
C LYS B 34 -8.10 22.23 4.08
N ILE B 35 -7.07 21.39 3.94
CA ILE B 35 -5.74 21.83 3.45
C ILE B 35 -5.48 21.32 2.04
N GLU B 36 -5.63 20.01 1.86
CA GLU B 36 -5.39 19.33 0.57
C GLU B 36 -6.70 19.39 -0.23
N THR B 37 -7.09 20.59 -0.63
CA THR B 37 -8.45 20.84 -1.15
C THR B 37 -8.54 20.30 -2.59
N ASN B 38 -7.52 20.43 -3.42
CA ASN B 38 -7.58 19.82 -4.75
C ASN B 38 -7.69 18.31 -4.62
N LYS B 39 -6.91 17.69 -3.76
CA LYS B 39 -6.98 16.26 -3.51
C LYS B 39 -8.38 15.88 -3.08
N PHE B 40 -9.00 16.62 -2.18
CA PHE B 40 -10.38 16.37 -1.71
C PHE B 40 -11.29 16.35 -2.92
N ALA B 41 -11.19 17.36 -3.78
CA ALA B 41 -12.04 17.40 -5.01
C ALA B 41 -11.76 16.18 -5.89
N ALA B 42 -10.52 15.80 -6.05
CA ALA B 42 -10.19 14.67 -6.93
C ALA B 42 -10.72 13.37 -6.35
N ILE B 43 -10.64 13.16 -5.05
CA ILE B 43 -11.14 11.96 -4.39
C ILE B 43 -12.65 11.90 -4.56
N CYS B 44 -13.34 13.02 -4.38
CA CYS B 44 -14.81 13.00 -4.52
C CYS B 44 -15.11 12.67 -5.99
N THR B 45 -14.43 13.28 -6.91
CA THR B 45 -14.73 13.09 -8.36
C THR B 45 -14.58 11.60 -8.68
N HIS B 46 -13.47 11.01 -8.29
CA HIS B 46 -13.14 9.61 -8.60
C HIS B 46 -14.14 8.68 -7.92
N LEU B 47 -14.53 8.96 -6.67
CA LEU B 47 -15.58 8.19 -5.95
CA LEU B 47 -15.53 8.12 -6.00
C LEU B 47 -16.87 8.24 -6.76
N GLU B 48 -17.28 9.43 -7.14
CA GLU B 48 -18.53 9.59 -7.86
C GLU B 48 -18.46 8.80 -9.16
N VAL B 49 -17.35 8.84 -9.87
CA VAL B 49 -17.24 8.05 -11.12
C VAL B 49 -17.45 6.57 -10.82
N CYS B 50 -16.81 6.04 -9.80
CA CYS B 50 -16.98 4.62 -9.43
C CYS B 50 -18.48 4.34 -9.17
N PHE B 51 -19.15 5.18 -8.39
CA PHE B 51 -20.59 4.98 -8.12
CA PHE B 51 -20.60 5.00 -8.12
C PHE B 51 -21.39 5.03 -9.42
N MET B 52 -21.10 6.00 -10.28
CA MET B 52 -21.86 6.15 -11.54
C MET B 52 -21.63 4.96 -12.45
N TYR B 53 -20.46 4.37 -12.40
CA TYR B 53 -20.08 3.21 -13.23
C TYR B 53 -20.97 2.03 -12.84
N SER B 54 -21.24 1.86 -11.55
CA SER B 54 -21.98 0.72 -10.97
CA SER B 54 -21.97 0.71 -11.02
C SER B 54 -23.48 0.94 -11.07
N ASP B 55 -23.91 2.18 -10.91
CA ASP B 55 -25.35 2.54 -10.83
C ASP B 55 -26.16 1.85 -11.96
N PHE B 56 -27.26 1.24 -11.55
CA PHE B 56 -28.31 0.72 -12.47
C PHE B 56 -27.91 -0.61 -13.14
N HIS B 57 -26.75 -1.15 -12.87
CA HIS B 57 -26.30 -2.39 -13.54
C HIS B 57 -26.51 -3.58 -12.63
N PHE B 58 -27.32 -4.55 -13.04
CA PHE B 58 -27.69 -5.71 -12.21
C PHE B 58 -27.47 -6.99 -12.98
N ILE B 59 -27.42 -8.07 -12.23
CA ILE B 59 -27.50 -9.43 -12.79
C ILE B 59 -28.91 -9.94 -12.45
N ASP B 60 -29.65 -10.43 -13.43
CA ASP B 60 -31.04 -10.90 -13.20
C ASP B 60 -31.07 -12.34 -12.72
N GLU B 61 -32.29 -12.89 -12.58
CA GLU B 61 -32.63 -14.28 -12.12
C GLU B 61 -31.94 -15.36 -12.96
N ARG B 62 -31.62 -15.03 -14.23
CA ARG B 62 -31.01 -15.97 -15.19
C ARG B 62 -29.50 -15.76 -15.25
N GLY B 63 -28.94 -14.83 -14.44
CA GLY B 63 -27.47 -14.64 -14.39
C GLY B 63 -26.93 -13.78 -15.55
N GLU B 64 -27.84 -13.08 -16.24
CA GLU B 64 -27.55 -12.18 -17.40
C GLU B 64 -27.51 -10.72 -16.95
N SER B 65 -26.62 -9.92 -17.54
CA SER B 65 -26.47 -8.48 -17.19
C SER B 65 -27.68 -7.67 -17.70
N ILE B 66 -28.24 -6.80 -16.86
CA ILE B 66 -29.33 -5.88 -17.30
C ILE B 66 -29.25 -4.50 -16.66
N ILE B 67 -29.99 -3.55 -17.25
CA ILE B 67 -30.00 -2.17 -16.73
C ILE B 67 -31.36 -1.86 -16.11
N VAL B 68 -31.35 -1.38 -14.86
CA VAL B 68 -32.59 -0.97 -14.15
C VAL B 68 -32.38 0.43 -13.59
N GLU B 69 -33.05 1.40 -14.19
CA GLU B 69 -32.92 2.83 -13.85
C GLU B 69 -34.10 3.25 -12.97
N SER B 70 -35.16 2.43 -12.94
CA SER B 70 -36.46 2.72 -12.26
C SER B 70 -36.22 3.04 -10.78
N GLY B 71 -35.02 2.80 -10.25
CA GLY B 71 -34.74 2.92 -8.80
C GLY B 71 -35.50 1.88 -7.99
N ASP B 72 -36.07 0.85 -8.62
CA ASP B 72 -36.88 -0.20 -7.95
C ASP B 72 -36.42 -1.58 -8.37
N PRO B 73 -35.13 -1.96 -8.15
CA PRO B 73 -34.68 -3.31 -8.51
C PRO B 73 -35.40 -4.38 -7.66
N ASN B 74 -35.96 -5.41 -8.34
CA ASN B 74 -36.62 -6.55 -7.65
C ASN B 74 -35.55 -7.25 -6.79
N ALA B 75 -35.98 -7.94 -5.76
CA ALA B 75 -35.05 -8.33 -4.68
C ALA B 75 -34.25 -9.57 -5.09
N LEU B 76 -34.51 -10.17 -6.26
CA LEU B 76 -33.62 -11.29 -6.71
C LEU B 76 -32.45 -10.78 -7.54
N LEU B 77 -32.46 -9.50 -7.91
CA LEU B 77 -31.40 -8.92 -8.74
C LEU B 77 -30.19 -8.66 -7.81
N LYS B 78 -28.99 -8.82 -8.35
CA LYS B 78 -27.67 -8.53 -7.68
C LYS B 78 -26.98 -7.41 -8.45
N HIS B 79 -26.35 -6.45 -7.79
CA HIS B 79 -25.49 -5.50 -8.51
C HIS B 79 -24.45 -6.27 -9.33
N ARG B 80 -24.26 -5.84 -10.55
CA ARG B 80 -23.19 -6.40 -11.42
C ARG B 80 -21.80 -6.07 -10.89
N PHE B 81 -21.65 -4.92 -10.22
CA PHE B 81 -20.32 -4.50 -9.78
C PHE B 81 -20.24 -4.50 -8.25
N GLU B 82 -19.12 -4.98 -7.75
CA GLU B 82 -18.69 -4.74 -6.36
C GLU B 82 -17.87 -3.44 -6.41
N ILE B 83 -18.14 -2.53 -5.48
CA ILE B 83 -17.31 -1.32 -5.33
C ILE B 83 -16.28 -1.55 -4.22
N ILE B 84 -15.02 -1.49 -4.59
CA ILE B 84 -13.88 -1.71 -3.66
C ILE B 84 -13.45 -0.35 -3.07
N GLU B 85 -13.47 0.70 -3.86
CA GLU B 85 -13.22 2.10 -3.44
C GLU B 85 -14.27 2.49 -2.36
N GLY B 86 -13.91 3.42 -1.49
CA GLY B 86 -14.78 3.93 -0.40
C GLY B 86 -14.78 3.07 0.85
N ARG B 87 -13.94 2.10 0.88
CA ARG B 87 -13.75 1.21 2.03
C ARG B 87 -12.39 1.46 2.66
N ASP B 88 -12.30 1.25 3.96
CA ASP B 88 -10.95 1.31 4.55
C ASP B 88 -10.10 0.15 4.02
N ARG B 89 -8.77 0.21 4.16
CA ARG B 89 -7.87 -0.82 3.55
CA ARG B 89 -7.89 -0.82 3.54
C ARG B 89 -8.27 -2.23 4.01
N ILE B 90 -8.57 -2.41 5.30
CA ILE B 90 -8.82 -3.77 5.78
C ILE B 90 -10.07 -4.30 5.09
N MET B 91 -11.13 -3.52 5.05
CA MET B 91 -12.42 -3.97 4.45
C MET B 91 -12.22 -4.09 2.94
N ALA B 92 -11.48 -3.21 2.29
CA ALA B 92 -11.24 -3.33 0.83
C ALA B 92 -10.52 -4.63 0.49
N TRP B 93 -9.45 -4.94 1.20
CA TRP B 93 -8.75 -6.22 0.93
C TRP B 93 -9.60 -7.44 1.34
N THR B 94 -10.40 -7.31 2.38
CA THR B 94 -11.36 -8.37 2.78
C THR B 94 -12.27 -8.69 1.58
N VAL B 95 -12.87 -7.66 0.99
CA VAL B 95 -13.82 -7.83 -0.13
C VAL B 95 -13.07 -8.46 -1.30
N VAL B 96 -11.91 -7.90 -1.63
CA VAL B 96 -11.05 -8.44 -2.73
C VAL B 96 -10.81 -9.92 -2.47
N ASN B 97 -10.39 -10.30 -1.28
CA ASN B 97 -10.15 -11.73 -0.94
C ASN B 97 -11.42 -12.59 -1.08
N SER B 98 -12.60 -12.17 -0.59
CA SER B 98 -13.90 -12.90 -0.75
CA SER B 98 -13.90 -12.91 -0.75
C SER B 98 -14.20 -13.11 -2.24
N ILE B 99 -14.01 -12.08 -3.04
CA ILE B 99 -14.36 -12.19 -4.49
C ILE B 99 -13.46 -13.25 -5.10
N CYS B 100 -12.18 -13.17 -4.81
CA CYS B 100 -11.20 -14.12 -5.40
C CYS B 100 -11.53 -15.57 -4.97
N ASN B 101 -12.19 -15.79 -3.84
CA ASN B 101 -12.73 -17.12 -3.46
C ASN B 101 -14.00 -17.45 -4.27
N THR B 102 -14.96 -16.52 -4.29
CA THR B 102 -16.27 -16.69 -4.96
C THR B 102 -16.07 -17.12 -6.40
N THR B 103 -15.22 -16.37 -7.12
CA THR B 103 -15.09 -16.45 -8.60
C THR B 103 -13.79 -17.12 -9.03
N GLY B 104 -12.80 -17.28 -8.13
CA GLY B 104 -11.53 -17.91 -8.48
C GLY B 104 -10.61 -17.01 -9.25
N VAL B 105 -11.05 -15.78 -9.60
CA VAL B 105 -10.21 -14.75 -10.26
C VAL B 105 -8.95 -14.57 -9.40
N GLU B 106 -7.82 -14.29 -10.04
CA GLU B 106 -6.54 -14.04 -9.36
C GLU B 106 -6.64 -12.74 -8.52
N LYS B 107 -5.93 -12.74 -7.40
CA LYS B 107 -5.87 -11.62 -6.43
C LYS B 107 -4.95 -10.56 -7.03
N PRO B 108 -5.47 -9.32 -7.18
CA PRO B 108 -4.67 -8.20 -7.69
C PRO B 108 -3.56 -7.81 -6.71
N LYS B 109 -2.49 -7.20 -7.25
CA LYS B 109 -1.30 -6.66 -6.53
C LYS B 109 -1.58 -5.37 -5.76
N PHE B 110 -2.39 -4.48 -6.33
CA PHE B 110 -2.77 -3.16 -5.75
C PHE B 110 -4.29 -3.19 -5.69
N LEU B 111 -4.86 -2.51 -4.71
CA LEU B 111 -6.32 -2.45 -4.59
C LEU B 111 -6.89 -1.82 -5.86
N PRO B 112 -7.84 -2.51 -6.53
CA PRO B 112 -8.55 -1.91 -7.64
C PRO B 112 -9.75 -1.10 -7.14
N ASP B 113 -10.60 -0.67 -8.07
CA ASP B 113 -11.77 0.17 -7.73
C ASP B 113 -13.08 -0.62 -7.74
N LEU B 114 -13.24 -1.56 -8.69
CA LEU B 114 -14.49 -2.31 -8.88
C LEU B 114 -14.13 -3.76 -9.17
N TYR B 115 -15.14 -4.63 -9.03
CA TYR B 115 -15.12 -5.97 -9.63
C TYR B 115 -16.39 -6.13 -10.46
N ASP B 116 -16.23 -6.60 -11.67
CA ASP B 116 -17.37 -6.85 -12.61
C ASP B 116 -17.71 -8.35 -12.57
N TYR B 117 -18.86 -8.67 -12.05
CA TYR B 117 -19.30 -10.09 -11.96
C TYR B 117 -19.69 -10.63 -13.33
N LYS B 118 -20.01 -9.75 -14.30
CA LYS B 118 -20.35 -10.28 -15.67
C LYS B 118 -19.07 -10.68 -16.40
N GLU B 119 -18.08 -9.78 -16.45
CA GLU B 119 -16.80 -9.95 -17.16
C GLU B 119 -15.78 -10.73 -16.32
N ASN B 120 -16.05 -10.92 -15.01
CA ASN B 120 -15.20 -11.67 -14.06
C ASN B 120 -13.81 -11.03 -14.08
N ARG B 121 -13.78 -9.75 -13.78
CA ARG B 121 -12.48 -9.01 -13.73
C ARG B 121 -12.60 -7.81 -12.80
N PHE B 122 -11.49 -7.50 -12.16
CA PHE B 122 -11.34 -6.22 -11.44
C PHE B 122 -11.14 -5.09 -12.44
N ILE B 123 -11.50 -3.88 -12.04
CA ILE B 123 -11.38 -2.68 -12.86
C ILE B 123 -10.67 -1.62 -12.03
N GLU B 124 -9.68 -0.99 -12.65
CA GLU B 124 -9.05 0.24 -12.18
C GLU B 124 -9.65 1.42 -12.93
N ILE B 125 -10.35 2.31 -12.22
CA ILE B 125 -10.94 3.54 -12.77
C ILE B 125 -9.92 4.68 -12.67
N GLY B 126 -9.61 5.32 -13.74
CA GLY B 126 -8.80 6.54 -13.71
C GLY B 126 -9.62 7.72 -14.11
N VAL B 127 -9.41 8.86 -13.45
CA VAL B 127 -9.99 10.14 -13.85
C VAL B 127 -8.85 11.13 -13.98
N THR B 128 -8.65 11.72 -15.14
CA THR B 128 -7.49 12.61 -15.38
C THR B 128 -7.88 13.96 -15.90
N ARG B 129 -7.15 14.98 -15.43
CA ARG B 129 -7.23 16.37 -15.90
C ARG B 129 -6.23 16.59 -17.02
N ARG B 130 -5.50 15.53 -17.37
CA ARG B 130 -4.53 15.54 -18.47
C ARG B 130 -5.12 14.79 -19.65
N GLU B 131 -4.28 14.39 -20.56
CA GLU B 131 -4.68 13.60 -21.77
C GLU B 131 -4.89 12.13 -21.40
N VAL B 132 -5.96 11.50 -21.95
CA VAL B 132 -6.30 10.15 -21.45
C VAL B 132 -5.16 9.16 -21.70
N HIS B 133 -4.49 9.23 -22.84
CA HIS B 133 -3.53 8.17 -23.22
C HIS B 133 -2.31 8.25 -22.30
N ILE B 134 -1.97 9.46 -21.85
CA ILE B 134 -0.81 9.64 -20.94
C ILE B 134 -1.12 8.91 -19.64
N TYR B 135 -2.30 9.15 -19.07
CA TYR B 135 -2.65 8.56 -17.75
C TYR B 135 -2.87 7.06 -17.93
N TYR B 136 -3.49 6.66 -19.04
CA TYR B 136 -3.69 5.22 -19.33
C TYR B 136 -2.32 4.53 -19.28
N LEU B 137 -1.33 5.06 -19.99
CA LEU B 137 0.02 4.45 -20.01
C LEU B 137 0.59 4.37 -18.59
N GLU B 138 0.44 5.42 -17.78
CA GLU B 138 0.99 5.45 -16.40
C GLU B 138 0.30 4.37 -15.57
N LYS B 139 -1.01 4.21 -15.71
CA LYS B 139 -1.69 3.10 -14.99
C LYS B 139 -1.24 1.73 -15.47
N ALA B 140 -1.16 1.51 -16.78
CA ALA B 140 -0.86 0.17 -17.32
C ALA B 140 0.59 -0.17 -16.97
N ASN B 141 1.45 0.85 -16.86
CA ASN B 141 2.91 0.67 -16.54
C ASN B 141 3.03 0.18 -15.10
N LYS B 142 2.18 0.71 -14.21
CA LYS B 142 2.09 0.37 -12.77
C LYS B 142 1.51 -1.04 -12.60
N ILE B 143 0.66 -1.47 -13.53
CA ILE B 143 -0.11 -2.75 -13.49
C ILE B 143 0.58 -3.75 -14.44
N GLU B 146 -0.58 -7.99 -15.08
CA GLU B 146 -1.79 -8.01 -14.23
C GLU B 146 -3.03 -8.08 -15.14
N LYS B 147 -4.13 -8.69 -14.66
CA LYS B 147 -5.42 -8.88 -15.39
C LYS B 147 -6.49 -7.88 -14.94
N THR B 148 -6.10 -6.87 -14.13
CA THR B 148 -7.00 -5.76 -13.76
C THR B 148 -7.27 -4.93 -15.01
N HIS B 149 -8.55 -4.77 -15.35
CA HIS B 149 -8.94 -3.99 -16.55
C HIS B 149 -8.84 -2.51 -16.22
N ILE B 150 -8.33 -1.68 -17.13
CA ILE B 150 -8.17 -0.23 -16.84
C ILE B 150 -9.17 0.54 -17.68
N HIS B 151 -9.85 1.49 -17.05
CA HIS B 151 -10.77 2.38 -17.77
C HIS B 151 -10.53 3.80 -17.28
N ILE B 152 -10.03 4.64 -18.18
CA ILE B 152 -9.66 6.05 -17.91
C ILE B 152 -10.74 6.95 -18.50
N PHE B 153 -11.16 7.98 -17.76
CA PHE B 153 -12.01 9.09 -18.25
C PHE B 153 -11.24 10.38 -18.08
N SER B 154 -11.34 11.31 -19.02
CA SER B 154 -10.84 12.70 -18.87
C SER B 154 -11.98 13.69 -18.60
N PHE B 155 -11.62 14.89 -18.17
CA PHE B 155 -12.55 16.00 -18.01
C PHE B 155 -12.83 16.68 -19.36
N THR B 156 -12.33 16.11 -20.46
CA THR B 156 -12.62 16.62 -21.83
C THR B 156 -13.36 15.55 -22.66
N GLY B 157 -14.06 14.65 -22.00
CA GLY B 157 -15.03 13.79 -22.66
C GLY B 157 -14.40 12.58 -23.28
N GLU B 158 -13.14 12.32 -23.02
CA GLU B 158 -12.43 11.19 -23.65
C GLU B 158 -12.36 10.00 -22.70
N GLU B 159 -12.21 8.82 -23.27
CA GLU B 159 -12.02 7.59 -22.48
C GLU B 159 -10.99 6.71 -23.19
N MET B 160 -10.30 5.89 -22.42
CA MET B 160 -9.40 4.87 -22.95
C MET B 160 -9.43 3.68 -22.01
N ALA B 161 -9.49 2.48 -22.56
CA ALA B 161 -9.64 1.24 -21.79
C ALA B 161 -8.80 0.11 -22.35
N THR B 162 -8.48 -0.81 -21.51
CA THR B 162 -7.73 -2.04 -21.91
C THR B 162 -8.40 -2.66 -23.13
N LYS B 163 -7.60 -2.88 -24.19
CA LYS B 163 -8.02 -3.59 -25.42
C LYS B 163 -9.22 -2.85 -26.04
N ALA B 164 -9.40 -1.55 -25.71
CA ALA B 164 -10.54 -0.72 -26.18
C ALA B 164 -11.86 -1.40 -25.85
N ASP B 165 -11.88 -2.14 -24.75
CA ASP B 165 -13.11 -2.75 -24.19
C ASP B 165 -13.61 -1.83 -23.06
N TYR B 166 -14.68 -1.07 -23.34
CA TYR B 166 -15.16 -0.02 -22.44
C TYR B 166 -16.20 -0.57 -21.48
N THR B 167 -16.47 -1.87 -21.50
CA THR B 167 -17.28 -2.59 -20.48
C THR B 167 -18.78 -2.24 -20.60
N LEU B 168 -19.12 -0.98 -20.37
CA LEU B 168 -20.50 -0.49 -20.25
C LEU B 168 -21.04 -0.10 -21.64
N ASP B 169 -22.34 -0.01 -21.68
CA ASP B 169 -23.07 0.62 -22.81
C ASP B 169 -22.65 2.09 -22.97
N GLU B 170 -22.84 2.63 -24.18
CA GLU B 170 -22.52 4.03 -24.52
C GLU B 170 -23.25 5.00 -23.57
N GLU B 171 -24.52 4.76 -23.24
CA GLU B 171 -25.32 5.72 -22.45
C GLU B 171 -24.65 5.89 -21.07
N SER B 172 -24.26 4.78 -20.45
CA SER B 172 -23.66 4.77 -19.09
C SER B 172 -22.38 5.61 -19.11
N ARG B 173 -21.55 5.38 -20.11
CA ARG B 173 -20.29 6.14 -20.24
C ARG B 173 -20.57 7.61 -20.51
N ALA B 174 -21.61 7.95 -21.27
CA ALA B 174 -21.95 9.35 -21.57
C ALA B 174 -22.38 10.05 -20.27
N ARG B 175 -23.05 9.34 -19.34
CA ARG B 175 -23.46 9.98 -18.07
C ARG B 175 -22.18 10.42 -17.35
N ILE B 176 -21.18 9.57 -17.31
CA ILE B 176 -19.91 9.90 -16.62
C ILE B 176 -19.21 11.05 -17.32
N LYS B 177 -19.03 10.98 -18.62
CA LYS B 177 -18.33 12.02 -19.37
C LYS B 177 -19.02 13.37 -19.17
N THR B 178 -20.34 13.37 -19.21
CA THR B 178 -21.13 14.58 -19.06
C THR B 178 -20.92 15.14 -17.63
N ARG B 179 -20.95 14.26 -16.63
CA ARG B 179 -20.73 14.75 -15.23
C ARG B 179 -19.36 15.42 -15.14
N LEU B 180 -18.36 14.78 -15.72
CA LEU B 180 -16.99 15.36 -15.66
C LEU B 180 -16.92 16.72 -16.36
N PHE B 181 -17.56 16.88 -17.52
CA PHE B 181 -17.65 18.19 -18.16
C PHE B 181 -18.32 19.19 -17.22
N THR B 182 -19.35 18.79 -16.49
CA THR B 182 -20.08 19.69 -15.61
C THR B 182 -19.18 20.12 -14.43
N ILE B 183 -18.44 19.19 -13.86
CA ILE B 183 -17.52 19.55 -12.76
C ILE B 183 -16.51 20.56 -13.26
N ARG B 184 -15.93 20.34 -14.44
CA ARG B 184 -14.96 21.30 -15.03
C ARG B 184 -15.62 22.68 -15.19
N GLN B 185 -16.84 22.75 -15.71
CA GLN B 185 -17.50 24.03 -15.91
C GLN B 185 -17.67 24.73 -14.55
N GLU B 186 -18.16 24.00 -13.57
CA GLU B 186 -18.49 24.63 -12.26
CA GLU B 186 -18.51 24.59 -12.25
C GLU B 186 -17.20 25.04 -11.59
N MET B 187 -16.13 24.23 -11.68
CA MET B 187 -14.83 24.68 -11.11
C MET B 187 -14.32 25.94 -11.81
N ALA B 188 -14.38 25.95 -13.12
CA ALA B 188 -13.89 27.06 -13.94
C ALA B 188 -14.66 28.35 -13.64
N SER B 189 -15.99 28.27 -13.44
CA SER B 189 -16.81 29.48 -13.11
C SER B 189 -16.39 30.05 -11.77
N ARG B 190 -15.78 29.25 -10.92
CA ARG B 190 -15.31 29.68 -9.57
C ARG B 190 -13.82 30.00 -9.52
N SER B 191 -13.13 30.00 -10.65
CA SER B 191 -11.65 30.22 -10.78
C SER B 191 -10.90 29.14 -9.98
N LEU B 192 -11.45 27.93 -9.91
CA LEU B 192 -10.82 26.79 -9.19
C LEU B 192 -10.20 25.80 -10.16
N TRP B 193 -10.57 25.86 -11.44
CA TRP B 193 -10.12 24.84 -12.41
C TRP B 193 -8.63 24.91 -12.70
N ASP B 194 -8.03 26.07 -12.93
CA ASP B 194 -6.58 26.10 -13.29
C ASP B 194 -5.77 25.43 -12.17
N SER B 195 -6.07 25.75 -10.89
CA SER B 195 -5.24 25.19 -9.78
C SER B 195 -5.48 23.68 -9.70
N PHE B 196 -6.73 23.25 -9.85
CA PHE B 196 -7.06 21.81 -9.81
C PHE B 196 -6.35 21.07 -10.94
N ARG B 197 -6.39 21.63 -12.12
CA ARG B 197 -5.79 20.96 -13.30
C ARG B 197 -4.26 20.89 -13.11
N GLN B 198 -3.65 21.91 -12.55
CA GLN B 198 -2.16 21.93 -12.48
CA GLN B 198 -2.16 22.03 -12.39
C GLN B 198 -1.69 21.08 -11.28
N SER B 199 -2.61 20.71 -10.39
CA SER B 199 -2.34 19.90 -9.17
C SER B 199 -2.03 18.44 -9.55
N GLU B 200 -2.53 17.94 -10.68
CA GLU B 200 -2.44 16.48 -10.97
C GLU B 200 -0.95 16.08 -11.07
#